data_4RHG
#
_entry.id   4RHG
#
_cell.length_a   58.151
_cell.length_b   67.651
_cell.length_c   69.995
_cell.angle_alpha   90.00
_cell.angle_beta   90.00
_cell.angle_gamma   90.00
#
_symmetry.space_group_name_H-M   'P 21 21 21'
#
loop_
_entity.id
_entity.type
_entity.pdbx_description
1 polymer 'Tyrosine-protein phosphatase non-receptor type 3'
2 polymer 'Epidermal growth factor receptor substrate 15'
3 water water
#
loop_
_entity_poly.entity_id
_entity_poly.type
_entity_poly.pdbx_seq_one_letter_code
_entity_poly.pdbx_strand_id
1 'polypeptide(L)'
;MHHHHHHSSGVDLGTENLYFQSNADTLEGSMAQLKKGLESGTVLIQFEQLYRKKPGLAITFAKLPQNLDKNRYKDVLPYD
TTRVLLQGNEDYINASYVNMEIPAANLVNKYIATQGPLPHTCAQFWQVVWDQKLSLIVMLTTLTERGRTKCHQYWPDPPD
VMNHGGFHIQCQSEDCTIAYVSREMLVTNTQTGEEHTVTHLQYVAWPEHGVPDDSSDFLEFVNYVRSLRVDSEPVLVHSS
AGIGRTGVLVTMETAMCLTERNLPIYPLDIVRKMRDQRAMMVQTSSQYKFVCEAILRVYEEGLVQM
;
A
2 'polypeptide(L)' FSA(PTR)PSEED B
#
# COMPACT_ATOMS: atom_id res chain seq x y z
N ALA A 24 -21.96 9.54 4.57
CA ALA A 24 -23.43 9.76 4.73
C ALA A 24 -24.19 9.43 3.44
N ASP A 25 -25.47 9.76 3.42
CA ASP A 25 -26.36 9.27 2.36
C ASP A 25 -26.39 7.74 2.47
N THR A 26 -26.43 7.02 1.34
CA THR A 26 -26.49 5.57 1.29
C THR A 26 -25.47 5.06 0.28
N LEU A 27 -25.28 3.74 0.25
CA LEU A 27 -24.47 3.18 -0.83
C LEU A 27 -25.06 3.55 -2.17
N GLU A 28 -26.37 3.41 -2.34
CA GLU A 28 -26.99 3.70 -3.63
C GLU A 28 -26.74 5.14 -4.04
N GLY A 29 -27.02 6.08 -3.13
CA GLY A 29 -26.86 7.47 -3.50
C GLY A 29 -25.41 7.86 -3.73
N SER A 30 -24.48 7.29 -2.94
CA SER A 30 -23.08 7.59 -3.17
CA SER A 30 -23.06 7.54 -3.16
C SER A 30 -22.63 7.08 -4.54
N MET A 31 -23.17 5.94 -5.00
CA MET A 31 -22.80 5.44 -6.32
CA MET A 31 -22.79 5.45 -6.32
C MET A 31 -23.47 6.23 -7.43
N ALA A 32 -24.69 6.70 -7.22
CA ALA A 32 -25.27 7.65 -8.16
C ALA A 32 -24.40 8.89 -8.26
N GLN A 33 -24.00 9.42 -7.09
CA GLN A 33 -23.15 10.61 -7.05
C GLN A 33 -21.83 10.37 -7.77
N LEU A 34 -21.23 9.18 -7.56
CA LEU A 34 -19.95 8.88 -8.21
C LEU A 34 -20.11 8.70 -9.72
N LYS A 35 -21.13 7.95 -10.17
CA LYS A 35 -21.34 7.76 -11.60
C LYS A 35 -21.61 9.10 -12.28
N LYS A 36 -22.52 9.90 -11.70
CA LYS A 36 -22.81 11.23 -12.24
C LYS A 36 -21.57 12.10 -12.28
N GLY A 37 -20.76 12.10 -11.21
CA GLY A 37 -19.57 12.94 -11.19
C GLY A 37 -18.44 12.42 -12.04
N LEU A 38 -18.37 11.12 -12.26
CA LEU A 38 -17.48 10.62 -13.30
C LEU A 38 -17.90 11.16 -14.65
N GLU A 39 -19.21 11.25 -14.90
CA GLU A 39 -19.67 11.67 -16.21
C GLU A 39 -19.35 13.14 -16.50
N SER A 40 -19.35 14.00 -15.48
CA SER A 40 -19.38 15.46 -15.76
C SER A 40 -18.07 16.24 -16.14
N GLY A 41 -16.89 16.08 -15.54
CA GLY A 41 -16.59 15.20 -14.43
C GLY A 41 -16.01 15.96 -13.24
N THR A 42 -16.91 16.21 -12.30
CA THR A 42 -16.55 16.91 -11.06
C THR A 42 -15.70 16.04 -10.12
N VAL A 43 -15.77 14.71 -10.24
CA VAL A 43 -14.98 13.82 -9.38
CA VAL A 43 -14.98 13.91 -9.31
C VAL A 43 -13.49 14.08 -9.58
N LEU A 44 -13.08 14.18 -10.85
CA LEU A 44 -11.67 14.40 -11.11
C LEU A 44 -11.23 15.80 -10.70
N ILE A 45 -12.07 16.82 -10.88
CA ILE A 45 -11.68 18.17 -10.49
C ILE A 45 -11.47 18.24 -8.97
N GLN A 46 -12.39 17.64 -8.20
CA GLN A 46 -12.24 17.65 -6.75
C GLN A 46 -11.02 16.85 -6.31
N PHE A 47 -10.62 15.81 -7.06
CA PHE A 47 -9.34 15.12 -6.78
C PHE A 47 -8.16 16.04 -7.01
N GLU A 48 -8.14 16.77 -8.13
CA GLU A 48 -7.02 17.66 -8.41
C GLU A 48 -6.93 18.78 -7.37
N GLN A 49 -8.05 19.14 -6.75
CA GLN A 49 -8.06 20.19 -5.74
C GLN A 49 -7.53 19.73 -4.39
N LEU A 50 -7.61 18.43 -4.10
CA LEU A 50 -7.19 17.88 -2.81
C LEU A 50 -5.71 18.08 -2.57
N TYR A 51 -5.36 18.45 -1.34
CA TYR A 51 -3.97 18.55 -0.99
C TYR A 51 -3.29 17.20 -1.13
N ARG A 52 -2.00 17.22 -1.50
CA ARG A 52 -1.18 16.02 -1.52
C ARG A 52 -0.58 15.71 -0.14
N LYS A 53 -0.17 16.76 0.56
CA LYS A 53 0.39 16.69 1.90
C LYS A 53 -0.51 17.53 2.80
N LYS A 54 -0.89 17.00 3.94
CA LYS A 54 -1.79 17.71 4.82
C LYS A 54 -1.06 18.92 5.39
N PRO A 55 -1.57 20.15 5.23
CA PRO A 55 -0.87 21.29 5.82
C PRO A 55 -0.85 21.18 7.34
N GLY A 56 0.30 21.54 7.91
CA GLY A 56 0.47 21.61 9.34
C GLY A 56 1.13 20.40 9.95
N LEU A 57 1.14 19.27 9.24
CA LEU A 57 1.73 18.05 9.79
C LEU A 57 3.24 18.09 9.66
N ALA A 58 3.91 17.97 10.79
CA ALA A 58 5.36 18.10 10.82
C ALA A 58 6.02 16.92 10.09
N ILE A 59 7.08 17.24 9.37
CA ILE A 59 7.98 16.24 8.75
C ILE A 59 9.39 16.68 9.13
N THR A 60 9.97 16.05 10.16
CA THR A 60 11.26 16.48 10.66
C THR A 60 12.29 15.37 10.56
N PHE A 61 12.04 14.22 11.17
CA PHE A 61 13.02 13.13 11.20
C PHE A 61 13.46 12.74 9.80
N ALA A 62 12.53 12.74 8.85
CA ALA A 62 12.82 12.24 7.52
C ALA A 62 13.86 13.07 6.81
N LYS A 63 14.04 14.33 7.23
CA LYS A 63 14.97 15.27 6.60
C LYS A 63 16.28 15.42 7.37
N LEU A 64 16.48 14.69 8.46
CA LEU A 64 17.74 14.84 9.21
C LEU A 64 18.91 14.32 8.37
N PRO A 65 20.12 14.83 8.60
CA PRO A 65 21.24 14.43 7.74
C PRO A 65 21.48 12.95 7.65
N GLN A 66 21.38 12.22 8.78
CA GLN A 66 21.63 10.79 8.77
C GLN A 66 20.53 10.02 8.10
N ASN A 67 19.37 10.67 7.85
CA ASN A 67 18.22 10.00 7.28
C ASN A 67 17.91 10.36 5.81
N LEU A 68 18.48 11.42 5.24
CA LEU A 68 18.14 11.82 3.88
C LEU A 68 18.30 10.68 2.86
N ASP A 69 19.38 9.91 2.92
CA ASP A 69 19.55 8.88 1.91
C ASP A 69 18.83 7.59 2.28
N LYS A 70 18.02 7.61 3.34
CA LYS A 70 17.16 6.50 3.65
C LYS A 70 15.80 6.65 3.00
N ASN A 71 15.60 7.73 2.24
CA ASN A 71 14.39 7.97 1.48
C ASN A 71 14.71 7.71 0.02
N ARG A 72 13.92 6.84 -0.61
CA ARG A 72 14.20 6.54 -2.01
C ARG A 72 13.94 7.75 -2.90
N TYR A 73 12.95 8.58 -2.54
CA TYR A 73 12.56 9.78 -3.29
C TYR A 73 12.51 10.96 -2.35
N LYS A 74 13.09 12.07 -2.81
CA LYS A 74 13.30 13.24 -1.96
C LYS A 74 11.99 13.80 -1.44
N ASP A 75 10.93 13.66 -2.21
CA ASP A 75 9.67 14.29 -1.93
C ASP A 75 8.62 13.34 -1.37
N VAL A 76 8.99 12.11 -1.02
CA VAL A 76 8.03 11.16 -0.49
C VAL A 76 8.52 10.79 0.91
N LEU A 77 8.01 11.49 1.91
CA LEU A 77 8.51 11.42 3.27
C LEU A 77 7.36 11.16 4.25
N PRO A 78 7.63 10.44 5.33
CA PRO A 78 6.60 10.20 6.35
C PRO A 78 6.39 11.41 7.25
N TYR A 79 5.13 11.63 7.62
CA TYR A 79 4.83 12.54 8.71
C TYR A 79 5.40 12.00 10.03
N ASP A 80 5.79 12.93 10.90
CA ASP A 80 6.26 12.50 12.23
C ASP A 80 5.18 11.72 12.99
N THR A 81 3.92 12.17 12.94
CA THR A 81 2.87 11.58 13.77
C THR A 81 2.54 10.12 13.47
N THR A 82 2.72 9.68 12.21
CA THR A 82 2.32 8.35 11.78
C THR A 82 3.55 7.56 11.34
N ARG A 83 4.74 8.08 11.59
CA ARG A 83 5.97 7.38 11.24
C ARG A 83 6.11 6.09 12.04
N VAL A 84 6.51 5.03 11.38
CA VAL A 84 6.75 3.77 12.06
C VAL A 84 8.06 3.87 12.82
N LEU A 85 8.01 3.57 14.12
CA LEU A 85 9.22 3.44 14.94
C LEU A 85 9.58 1.98 15.16
N LEU A 86 10.87 1.69 15.19
CA LEU A 86 11.35 0.38 15.53
C LEU A 86 11.35 0.24 17.04
N GLN A 87 10.93 -0.91 17.51
CA GLN A 87 10.83 -1.13 18.96
C GLN A 87 12.22 -1.05 19.61
N GLY A 88 12.37 -0.14 20.57
CA GLY A 88 13.65 -0.07 21.29
C GLY A 88 14.84 0.24 20.42
N ASN A 89 14.63 0.91 19.31
CA ASN A 89 15.67 1.10 18.30
C ASN A 89 15.41 2.44 17.65
N GLU A 90 16.41 3.33 17.62
CA GLU A 90 16.18 4.68 17.12
C GLU A 90 16.32 4.79 15.60
N ASP A 91 16.68 3.70 14.90
CA ASP A 91 16.92 3.78 13.46
C ASP A 91 15.65 4.25 12.73
N TYR A 92 15.82 5.20 11.81
CA TYR A 92 14.73 5.71 10.99
C TYR A 92 14.40 4.78 9.84
N ILE A 93 13.09 4.67 9.53
CA ILE A 93 12.61 4.04 8.32
C ILE A 93 11.51 4.90 7.71
N ASN A 94 11.54 5.01 6.39
CA ASN A 94 10.49 5.70 5.65
C ASN A 94 9.31 4.76 5.51
N ALA A 95 8.39 4.84 6.48
CA ALA A 95 7.23 3.97 6.60
C ALA A 95 6.21 4.68 7.47
N SER A 96 4.92 4.48 7.18
CA SER A 96 3.84 5.18 7.83
C SER A 96 2.73 4.20 8.22
N TYR A 97 2.14 4.38 9.37
CA TYR A 97 0.92 3.67 9.70
C TYR A 97 -0.23 4.31 8.93
N VAL A 98 -1.05 3.48 8.28
CA VAL A 98 -2.23 3.96 7.58
C VAL A 98 -3.37 3.05 7.99
N ASN A 99 -4.35 3.59 8.71
CA ASN A 99 -5.50 2.85 9.20
C ASN A 99 -6.76 3.43 8.59
N MET A 100 -7.58 2.55 8.01
CA MET A 100 -8.81 2.95 7.35
C MET A 100 -9.94 2.40 8.20
N GLU A 101 -10.67 3.31 8.85
CA GLU A 101 -11.77 2.92 9.71
C GLU A 101 -13.06 2.88 8.92
N ILE A 102 -13.89 1.88 9.21
CA ILE A 102 -15.27 1.82 8.74
C ILE A 102 -16.09 1.80 10.03
N PRO A 103 -16.44 2.98 10.56
CA PRO A 103 -16.98 3.02 11.93
C PRO A 103 -18.36 2.40 12.05
N ALA A 104 -19.20 2.50 11.01
CA ALA A 104 -20.54 1.89 11.08
C ALA A 104 -20.43 0.38 11.22
N ALA A 105 -19.33 -0.21 10.75
CA ALA A 105 -19.06 -1.63 10.89
C ALA A 105 -18.14 -1.96 12.04
N ASN A 106 -17.69 -0.97 12.82
CA ASN A 106 -16.74 -1.20 13.91
C ASN A 106 -15.51 -1.96 13.40
N LEU A 107 -15.04 -1.56 12.21
CA LEU A 107 -13.97 -2.23 11.50
C LEU A 107 -12.81 -1.24 11.28
N VAL A 108 -11.58 -1.71 11.40
CA VAL A 108 -10.43 -0.91 11.03
C VAL A 108 -9.52 -1.81 10.21
N ASN A 109 -9.17 -1.37 9.01
CA ASN A 109 -8.16 -2.06 8.21
C ASN A 109 -6.84 -1.38 8.41
N LYS A 110 -5.88 -2.10 9.00
CA LYS A 110 -4.57 -1.54 9.31
C LYS A 110 -3.56 -1.86 8.21
N TYR A 111 -2.75 -0.86 7.89
CA TYR A 111 -1.61 -1.03 6.99
C TYR A 111 -0.37 -0.37 7.57
N ILE A 112 0.78 -0.82 7.07
CA ILE A 112 2.01 -0.05 7.13
C ILE A 112 2.39 0.19 5.67
N ALA A 113 2.43 1.46 5.27
CA ALA A 113 2.77 1.83 3.91
C ALA A 113 4.21 2.34 3.87
N THR A 114 5.03 1.71 3.03
CA THR A 114 6.46 2.01 3.02
C THR A 114 6.95 1.99 1.59
N GLN A 115 8.17 2.49 1.42
CA GLN A 115 8.84 2.52 0.12
C GLN A 115 9.49 1.16 -0.15
N GLY A 116 9.94 0.97 -1.39
CA GLY A 116 10.82 -0.14 -1.70
C GLY A 116 12.16 0.03 -1.01
N PRO A 117 12.59 -0.93 -0.18
CA PRO A 117 13.84 -0.75 0.56
C PRO A 117 15.01 -0.47 -0.37
N LEU A 118 15.94 0.28 0.17
CA LEU A 118 17.24 0.54 -0.46
C LEU A 118 18.23 -0.50 0.05
N PRO A 119 19.42 -0.61 -0.55
CA PRO A 119 20.37 -1.60 -0.01
C PRO A 119 20.61 -1.46 1.49
N HIS A 120 20.72 -0.23 1.99
CA HIS A 120 21.06 0.03 3.38
C HIS A 120 19.85 0.22 4.27
N THR A 121 18.63 -0.05 3.74
CA THR A 121 17.45 -0.02 4.60
C THR A 121 16.73 -1.35 4.71
N CYS A 122 17.29 -2.42 4.15
CA CYS A 122 16.72 -3.76 4.31
C CYS A 122 16.68 -4.17 5.77
N ALA A 123 17.70 -3.81 6.54
CA ALA A 123 17.73 -4.17 7.95
C ALA A 123 16.54 -3.59 8.71
N GLN A 124 16.18 -2.33 8.42
CA GLN A 124 15.09 -1.70 9.13
C GLN A 124 13.75 -2.23 8.63
N PHE A 125 13.66 -2.52 7.33
CA PHE A 125 12.44 -3.12 6.78
C PHE A 125 12.11 -4.43 7.48
N TRP A 126 13.10 -5.33 7.57
CA TRP A 126 12.85 -6.61 8.19
C TRP A 126 12.64 -6.48 9.68
N GLN A 127 13.21 -5.43 10.29
CA GLN A 127 12.96 -5.21 11.72
C GLN A 127 11.50 -4.84 11.96
N VAL A 128 10.89 -4.06 11.07
CA VAL A 128 9.46 -3.77 11.22
C VAL A 128 8.67 -5.06 11.15
N VAL A 129 8.98 -5.89 10.16
CA VAL A 129 8.29 -7.16 10.00
C VAL A 129 8.43 -8.00 11.26
N TRP A 130 9.65 -8.08 11.82
CA TRP A 130 9.88 -8.85 13.04
C TRP A 130 9.16 -8.24 14.24
N ASP A 131 9.36 -6.94 14.47
CA ASP A 131 8.78 -6.24 15.63
C ASP A 131 7.29 -6.55 15.77
N GLN A 132 6.57 -6.51 14.65
CA GLN A 132 5.13 -6.62 14.64
C GLN A 132 4.66 -7.97 14.14
N LYS A 133 5.57 -8.91 13.91
CA LYS A 133 5.28 -10.25 13.39
C LYS A 133 4.25 -10.17 12.28
N LEU A 134 4.58 -9.36 11.27
CA LEU A 134 3.70 -9.16 10.14
C LEU A 134 3.77 -10.39 9.24
N SER A 135 2.62 -10.99 8.96
CA SER A 135 2.64 -12.22 8.17
CA SER A 135 2.51 -12.23 8.19
C SER A 135 2.28 -12.00 6.72
N LEU A 136 2.02 -10.75 6.29
CA LEU A 136 1.69 -10.48 4.90
C LEU A 136 2.37 -9.20 4.44
N ILE A 137 3.17 -9.36 3.39
CA ILE A 137 3.78 -8.25 2.63
C ILE A 137 3.21 -8.24 1.24
N VAL A 138 2.75 -7.07 0.80
CA VAL A 138 2.24 -6.83 -0.55
C VAL A 138 3.19 -5.83 -1.21
N MET A 139 3.86 -6.28 -2.26
CA MET A 139 4.83 -5.49 -3.01
C MET A 139 4.24 -5.19 -4.38
N LEU A 140 3.99 -3.91 -4.66
CA LEU A 140 3.34 -3.52 -5.91
C LEU A 140 4.32 -2.87 -6.86
N THR A 141 5.39 -3.57 -7.19
CA THR A 141 6.38 -3.08 -8.13
C THR A 141 7.26 -4.23 -8.57
N THR A 142 7.81 -4.10 -9.77
CA THR A 142 8.97 -4.90 -10.17
C THR A 142 10.23 -4.31 -9.55
N LEU A 143 11.31 -5.09 -9.55
CA LEU A 143 12.56 -4.64 -8.96
C LEU A 143 13.16 -3.50 -9.77
N THR A 144 13.02 -3.57 -11.09
CA THR A 144 13.60 -2.61 -12.01
C THR A 144 12.55 -2.20 -13.03
N GLU A 145 12.73 -1.01 -13.60
CA GLU A 145 11.93 -0.57 -14.74
C GLU A 145 12.85 0.21 -15.64
N ARG A 146 12.82 -0.08 -16.94
CA ARG A 146 13.59 0.65 -17.97
C ARG A 146 15.05 0.85 -17.55
N GLY A 147 15.68 -0.20 -17.02
CA GLY A 147 17.09 -0.16 -16.69
C GLY A 147 17.45 0.48 -15.35
N ARG A 148 16.47 0.93 -14.57
CA ARG A 148 16.72 1.57 -13.30
C ARG A 148 16.10 0.77 -12.17
N THR A 149 16.76 0.79 -11.04
CA THR A 149 16.33 0.02 -9.87
C THR A 149 15.26 0.79 -9.15
N LYS A 150 14.12 0.14 -8.92
CA LYS A 150 12.97 0.69 -8.23
C LYS A 150 12.78 0.14 -6.83
N CYS A 151 13.42 -0.99 -6.52
CA CYS A 151 13.35 -1.63 -5.22
C CYS A 151 14.54 -2.57 -5.13
N HIS A 152 15.23 -2.56 -3.98
CA HIS A 152 16.28 -3.55 -3.73
C HIS A 152 15.66 -4.92 -3.52
N GLN A 153 16.37 -5.97 -3.97
CA GLN A 153 15.85 -7.32 -3.73
C GLN A 153 16.22 -7.70 -2.30
N TYR A 154 15.28 -7.50 -1.37
CA TYR A 154 15.51 -7.68 0.05
C TYR A 154 15.25 -9.11 0.52
N TRP A 155 14.95 -10.04 -0.41
CA TRP A 155 14.88 -11.48 -0.17
C TRP A 155 15.81 -12.24 -1.12
N PRO A 156 16.28 -13.43 -0.72
CA PRO A 156 17.14 -14.23 -1.60
C PRO A 156 16.36 -15.11 -2.57
N ASP A 157 16.97 -15.35 -3.71
CA ASP A 157 16.48 -16.34 -4.63
C ASP A 157 16.62 -17.71 -3.98
N PRO A 158 15.56 -18.51 -3.90
CA PRO A 158 15.75 -19.86 -3.33
C PRO A 158 16.85 -20.61 -4.07
N PRO A 159 17.68 -21.38 -3.34
CA PRO A 159 17.62 -21.68 -1.91
C PRO A 159 18.58 -20.86 -1.04
N ASP A 160 19.03 -19.70 -1.53
CA ASP A 160 20.03 -18.95 -0.78
C ASP A 160 19.44 -18.41 0.53
N VAL A 161 20.34 -18.05 1.44
CA VAL A 161 20.01 -17.42 2.72
C VAL A 161 20.71 -16.07 2.77
N MET A 162 19.95 -15.03 3.08
CA MET A 162 20.40 -13.63 3.11
C MET A 162 20.52 -13.18 4.54
N ASN A 163 21.55 -12.38 4.85
CA ASN A 163 21.68 -11.71 6.14
C ASN A 163 21.29 -10.24 6.00
N HIS A 164 20.27 -9.79 6.77
CA HIS A 164 19.93 -8.37 6.86
C HIS A 164 19.79 -7.97 8.32
N GLY A 165 20.71 -7.13 8.79
CA GLY A 165 20.63 -6.59 10.13
C GLY A 165 20.35 -7.64 11.20
N GLY A 166 21.06 -8.76 11.16
CA GLY A 166 20.80 -9.76 12.18
C GLY A 166 19.50 -10.51 12.03
N PHE A 167 18.92 -10.50 10.83
CA PHE A 167 17.93 -11.47 10.43
C PHE A 167 18.47 -12.23 9.24
N HIS A 168 18.29 -13.54 9.25
CA HIS A 168 18.46 -14.34 8.05
C HIS A 168 17.10 -14.55 7.38
N ILE A 169 17.09 -14.43 6.06
CA ILE A 169 15.88 -14.53 5.26
C ILE A 169 16.09 -15.67 4.27
N GLN A 170 15.10 -16.57 4.18
CA GLN A 170 15.08 -17.52 3.08
C GLN A 170 13.68 -17.60 2.48
N CYS A 171 13.66 -17.89 1.19
CA CYS A 171 12.43 -18.02 0.43
C CYS A 171 12.20 -19.52 0.28
N GLN A 172 11.16 -20.02 0.95
CA GLN A 172 10.87 -21.45 1.02
C GLN A 172 10.01 -21.92 -0.14
N SER A 173 9.32 -21.01 -0.81
CA SER A 173 8.42 -21.35 -1.88
C SER A 173 8.34 -20.13 -2.78
N GLU A 174 8.23 -20.35 -4.08
CA GLU A 174 8.10 -19.27 -5.05
C GLU A 174 7.31 -19.78 -6.25
N ASP A 175 6.16 -19.18 -6.52
CA ASP A 175 5.30 -19.58 -7.62
C ASP A 175 4.78 -18.35 -8.32
N CYS A 176 4.97 -18.31 -9.62
CA CYS A 176 4.49 -17.20 -10.43
C CYS A 176 3.10 -17.53 -10.94
N THR A 177 2.18 -16.60 -10.78
CA THR A 177 0.94 -16.63 -11.53
C THR A 177 1.10 -15.66 -12.71
N ILE A 178 -0.01 -15.31 -13.33
CA ILE A 178 -0.01 -14.33 -14.41
C ILE A 178 0.55 -13.00 -13.90
N ALA A 179 -0.14 -12.43 -12.93
CA ALA A 179 -0.02 -11.04 -12.57
C ALA A 179 0.88 -10.81 -11.37
N TYR A 180 1.14 -11.84 -10.58
CA TYR A 180 1.89 -11.68 -9.35
C TYR A 180 2.66 -12.96 -9.06
N VAL A 181 3.62 -12.83 -8.15
CA VAL A 181 4.43 -13.94 -7.67
C VAL A 181 4.09 -14.14 -6.20
N SER A 182 3.87 -15.39 -5.80
CA SER A 182 3.58 -15.70 -4.41
C SER A 182 4.79 -16.43 -3.83
N ARG A 183 5.33 -15.86 -2.76
CA ARG A 183 6.51 -16.37 -2.08
C ARG A 183 6.18 -16.58 -0.62
N GLU A 184 6.69 -17.68 -0.04
CA GLU A 184 6.65 -17.86 1.40
C GLU A 184 8.07 -17.69 1.90
N MET A 185 8.24 -16.87 2.92
CA MET A 185 9.55 -16.52 3.43
CA MET A 185 9.54 -16.50 3.43
C MET A 185 9.65 -16.89 4.90
N LEU A 186 10.88 -17.27 5.29
CA LEU A 186 11.21 -17.60 6.66
C LEU A 186 12.19 -16.57 7.15
N VAL A 187 11.85 -15.92 8.27
CA VAL A 187 12.68 -14.91 8.89
C VAL A 187 13.19 -15.51 10.19
N THR A 188 14.51 -15.60 10.32
CA THR A 188 15.09 -16.15 11.54
C THR A 188 15.91 -15.07 12.22
N ASN A 189 15.66 -14.91 13.51
CA ASN A 189 16.35 -13.94 14.31
C ASN A 189 17.70 -14.51 14.72
N THR A 190 18.80 -13.89 14.27
CA THR A 190 20.14 -14.41 14.57
C THR A 190 20.48 -14.28 16.07
N GLN A 191 19.97 -13.23 16.73
CA GLN A 191 20.29 -12.97 18.14
C GLN A 191 19.67 -14.01 19.07
N THR A 192 18.46 -14.44 18.77
CA THR A 192 17.68 -15.23 19.71
C THR A 192 17.34 -16.63 19.23
N GLY A 193 17.44 -16.92 17.94
CA GLY A 193 17.08 -18.21 17.37
C GLY A 193 15.63 -18.42 16.97
N GLU A 194 14.73 -17.48 17.21
CA GLU A 194 13.34 -17.73 16.82
CA GLU A 194 13.32 -17.54 16.84
C GLU A 194 13.14 -17.51 15.32
N GLU A 195 11.98 -18.00 14.86
CA GLU A 195 11.61 -17.99 13.45
C GLU A 195 10.23 -17.36 13.30
N HIS A 196 9.96 -16.80 12.10
CA HIS A 196 8.70 -16.15 11.75
C HIS A 196 8.49 -16.35 10.25
N THR A 197 7.26 -16.68 9.86
CA THR A 197 6.93 -16.96 8.47
C THR A 197 6.12 -15.79 7.90
N VAL A 198 6.39 -15.44 6.65
CA VAL A 198 5.73 -14.32 6.00
C VAL A 198 5.35 -14.71 4.59
N THR A 199 4.13 -14.34 4.22
CA THR A 199 3.65 -14.50 2.87
C THR A 199 3.97 -13.20 2.17
N HIS A 200 4.51 -13.30 0.97
CA HIS A 200 5.01 -12.17 0.22
C HIS A 200 4.39 -12.23 -1.17
N LEU A 201 3.57 -11.23 -1.51
CA LEU A 201 2.90 -11.17 -2.82
C LEU A 201 3.52 -10.02 -3.59
N GLN A 202 4.13 -10.33 -4.72
CA GLN A 202 4.72 -9.32 -5.59
C GLN A 202 3.88 -9.19 -6.86
N TYR A 203 3.15 -8.07 -6.98
CA TYR A 203 2.34 -7.78 -8.16
C TYR A 203 3.26 -7.14 -9.19
N VAL A 204 3.50 -7.86 -10.29
CA VAL A 204 4.49 -7.46 -11.27
C VAL A 204 3.88 -6.85 -12.51
N ALA A 205 2.53 -6.75 -12.60
CA ALA A 205 1.87 -6.29 -13.81
C ALA A 205 1.22 -4.94 -13.57
N TRP A 206 2.00 -4.02 -13.00
CA TRP A 206 1.50 -2.70 -12.63
C TRP A 206 2.64 -1.70 -12.63
N PRO A 207 2.83 -0.93 -13.70
CA PRO A 207 3.99 -0.05 -13.78
C PRO A 207 3.84 1.21 -12.95
N GLU A 208 5.00 1.75 -12.60
CA GLU A 208 5.08 2.97 -11.85
C GLU A 208 4.30 4.06 -12.56
N HIS A 209 3.61 4.86 -11.75
CA HIS A 209 2.78 5.98 -12.22
CA HIS A 209 2.71 5.96 -12.14
C HIS A 209 1.69 5.55 -13.20
N GLY A 210 1.33 4.26 -13.20
CA GLY A 210 0.33 3.74 -14.11
C GLY A 210 -0.81 3.02 -13.42
N VAL A 211 -1.69 2.46 -14.25
CA VAL A 211 -2.80 1.65 -13.77
C VAL A 211 -2.42 0.18 -13.91
N PRO A 212 -3.12 -0.74 -13.25
CA PRO A 212 -2.84 -2.16 -13.47
C PRO A 212 -3.01 -2.55 -14.94
N ASP A 213 -2.16 -3.47 -15.39
CA ASP A 213 -2.23 -3.93 -16.78
C ASP A 213 -3.57 -4.59 -17.09
N ASP A 214 -4.22 -5.16 -16.08
CA ASP A 214 -5.49 -5.83 -16.23
C ASP A 214 -6.33 -5.57 -15.00
N SER A 215 -7.49 -4.94 -15.20
CA SER A 215 -8.32 -4.55 -14.07
C SER A 215 -8.90 -5.75 -13.35
N SER A 216 -9.21 -6.83 -14.08
CA SER A 216 -9.80 -7.98 -13.42
C SER A 216 -8.77 -8.71 -12.57
N ASP A 217 -7.53 -8.81 -13.07
CA ASP A 217 -6.45 -9.35 -12.25
C ASP A 217 -6.24 -8.52 -10.98
N PHE A 218 -6.33 -7.20 -11.11
CA PHE A 218 -6.16 -6.33 -9.96
C PHE A 218 -7.23 -6.60 -8.91
N LEU A 219 -8.50 -6.63 -9.32
CA LEU A 219 -9.59 -6.80 -8.36
C LEU A 219 -9.50 -8.17 -7.68
N GLU A 220 -9.23 -9.20 -8.47
CA GLU A 220 -9.03 -10.52 -7.88
C GLU A 220 -7.90 -10.49 -6.87
N PHE A 221 -6.82 -9.79 -7.20
CA PHE A 221 -5.69 -9.71 -6.28
C PHE A 221 -6.07 -9.00 -4.99
N VAL A 222 -6.78 -7.87 -5.09
CA VAL A 222 -7.20 -7.17 -3.88
C VAL A 222 -8.06 -8.06 -2.99
N ASN A 223 -9.03 -8.76 -3.57
CA ASN A 223 -9.88 -9.63 -2.76
C ASN A 223 -9.11 -10.81 -2.19
N TYR A 224 -8.05 -11.23 -2.86
CA TYR A 224 -7.20 -12.30 -2.34
C TYR A 224 -6.41 -11.80 -1.15
N VAL A 225 -5.83 -10.59 -1.27
CA VAL A 225 -5.19 -9.95 -0.13
C VAL A 225 -6.14 -9.85 1.06
N ARG A 226 -7.37 -9.39 0.84
CA ARG A 226 -8.33 -9.29 1.93
C ARG A 226 -8.50 -10.64 2.64
N SER A 227 -8.53 -11.73 1.87
CA SER A 227 -8.76 -13.06 2.41
C SER A 227 -7.56 -13.56 3.21
N LEU A 228 -6.38 -13.00 2.95
CA LEU A 228 -5.17 -13.42 3.63
C LEU A 228 -4.88 -12.58 4.87
N ARG A 229 -5.70 -11.57 5.15
CA ARG A 229 -5.53 -10.78 6.35
C ARG A 229 -5.63 -11.63 7.59
N VAL A 230 -4.74 -11.38 8.51
CA VAL A 230 -4.81 -11.94 9.86
C VAL A 230 -5.48 -10.90 10.74
N ASP A 231 -6.31 -11.37 11.68
CA ASP A 231 -7.11 -10.44 12.48
C ASP A 231 -6.24 -9.42 13.19
N SER A 232 -6.59 -8.14 13.07
CA SER A 232 -5.94 -7.03 13.79
C SER A 232 -4.48 -6.80 13.40
N GLU A 233 -3.95 -7.45 12.40
CA GLU A 233 -2.55 -7.35 12.01
C GLU A 233 -2.44 -6.40 10.81
N PRO A 234 -1.61 -5.34 10.84
CA PRO A 234 -1.37 -4.56 9.62
C PRO A 234 -0.83 -5.40 8.46
N VAL A 235 -1.27 -5.07 7.25
CA VAL A 235 -0.67 -5.57 6.02
C VAL A 235 0.43 -4.58 5.67
N LEU A 236 1.65 -5.08 5.44
CA LEU A 236 2.72 -4.20 4.97
C LEU A 236 2.57 -4.09 3.47
N VAL A 237 2.36 -2.88 2.98
CA VAL A 237 2.18 -2.65 1.56
CA VAL A 237 2.18 -2.63 1.55
C VAL A 237 3.27 -1.67 1.11
N HIS A 238 3.91 -1.99 0.00
CA HIS A 238 4.91 -1.08 -0.55
C HIS A 238 4.92 -1.16 -2.07
N SER A 239 5.43 -0.09 -2.67
CA SER A 239 5.70 -0.07 -4.10
C SER A 239 7.14 0.42 -4.23
N SER A 240 7.41 1.38 -5.13
CA SER A 240 8.73 1.99 -5.13
C SER A 240 8.78 3.14 -4.13
N ALA A 241 7.90 4.10 -4.27
CA ALA A 241 7.78 5.18 -3.31
C ALA A 241 6.85 4.84 -2.17
N GLY A 242 5.95 3.90 -2.36
CA GLY A 242 4.96 3.56 -1.35
C GLY A 242 3.80 4.49 -1.24
N ILE A 243 3.44 5.20 -2.33
CA ILE A 243 2.27 6.08 -2.26
C ILE A 243 1.29 5.90 -3.41
N GLY A 244 1.77 5.64 -4.62
CA GLY A 244 0.88 5.65 -5.76
C GLY A 244 0.06 4.38 -5.89
N ARG A 245 0.77 3.30 -6.20
CA ARG A 245 0.10 2.01 -6.34
C ARG A 245 -0.43 1.55 -4.99
N THR A 246 0.28 1.85 -3.90
CA THR A 246 -0.23 1.51 -2.58
C THR A 246 -1.55 2.22 -2.31
N GLY A 247 -1.62 3.52 -2.66
CA GLY A 247 -2.86 4.25 -2.44
C GLY A 247 -4.03 3.67 -3.21
N VAL A 248 -3.78 3.23 -4.44
CA VAL A 248 -4.86 2.60 -5.21
C VAL A 248 -5.35 1.34 -4.50
N LEU A 249 -4.42 0.49 -4.04
CA LEU A 249 -4.84 -0.75 -3.42
C LEU A 249 -5.63 -0.50 -2.13
N VAL A 250 -5.16 0.46 -1.31
CA VAL A 250 -5.83 0.77 -0.05
C VAL A 250 -7.24 1.30 -0.33
N THR A 251 -7.37 2.16 -1.34
CA THR A 251 -8.67 2.73 -1.67
C THR A 251 -9.61 1.60 -2.06
N MET A 252 -9.13 0.68 -2.88
CA MET A 252 -9.97 -0.39 -3.37
C MET A 252 -10.39 -1.32 -2.25
N GLU A 253 -9.47 -1.69 -1.35
CA GLU A 253 -9.88 -2.56 -0.27
C GLU A 253 -10.93 -1.89 0.59
N THR A 254 -10.75 -0.60 0.89
CA THR A 254 -11.75 0.13 1.67
C THR A 254 -13.11 0.07 0.98
N ALA A 255 -13.12 0.32 -0.34
CA ALA A 255 -14.37 0.37 -1.08
C ALA A 255 -15.05 -1.00 -1.07
N MET A 256 -14.27 -2.08 -1.20
CA MET A 256 -14.85 -3.42 -1.19
CA MET A 256 -14.86 -3.40 -1.20
C MET A 256 -15.55 -3.70 0.13
N CYS A 257 -14.94 -3.28 1.24
CA CYS A 257 -15.55 -3.46 2.55
C CYS A 257 -16.84 -2.66 2.65
N LEU A 258 -16.85 -1.46 2.09
CA LEU A 258 -18.04 -0.61 2.20
C LEU A 258 -19.18 -1.16 1.37
N THR A 259 -18.89 -1.56 0.12
CA THR A 259 -19.91 -2.16 -0.74
C THR A 259 -20.58 -3.35 -0.04
N GLU A 260 -19.78 -4.27 0.49
CA GLU A 260 -20.36 -5.50 1.03
C GLU A 260 -21.19 -5.24 2.28
N ARG A 261 -21.03 -4.09 2.92
CA ARG A 261 -21.78 -3.75 4.12
C ARG A 261 -22.86 -2.73 3.83
N ASN A 262 -23.13 -2.45 2.56
CA ASN A 262 -24.14 -1.51 2.12
C ASN A 262 -23.95 -0.12 2.76
N LEU A 263 -22.69 0.35 2.75
CA LEU A 263 -22.34 1.65 3.31
C LEU A 263 -21.86 2.59 2.21
N PRO A 264 -22.06 3.90 2.37
CA PRO A 264 -21.72 4.83 1.29
C PRO A 264 -20.21 4.95 1.06
N ILE A 265 -19.86 5.15 -0.20
CA ILE A 265 -18.48 5.19 -0.66
C ILE A 265 -18.23 6.55 -1.26
N TYR A 266 -17.33 7.31 -0.64
CA TYR A 266 -16.85 8.58 -1.18
C TYR A 266 -15.36 8.50 -1.44
N PRO A 267 -14.94 8.22 -2.68
CA PRO A 267 -13.51 8.02 -2.93
C PRO A 267 -12.65 9.18 -2.48
N LEU A 268 -13.16 10.40 -2.59
CA LEU A 268 -12.38 11.56 -2.21
C LEU A 268 -12.11 11.56 -0.71
N ASP A 269 -13.11 11.18 0.10
CA ASP A 269 -12.92 11.06 1.55
C ASP A 269 -11.88 9.99 1.86
N ILE A 270 -11.90 8.90 1.11
CA ILE A 270 -10.95 7.83 1.35
C ILE A 270 -9.52 8.31 1.06
N VAL A 271 -9.32 8.97 -0.09
CA VAL A 271 -7.99 9.45 -0.44
C VAL A 271 -7.54 10.49 0.56
N ARG A 272 -8.42 11.41 0.95
CA ARG A 272 -8.03 12.39 1.97
C ARG A 272 -7.62 11.72 3.27
N LYS A 273 -8.39 10.72 3.71
CA LYS A 273 -8.07 10.02 4.95
CA LYS A 273 -8.07 10.02 4.94
C LYS A 273 -6.70 9.34 4.87
N MET A 274 -6.38 8.72 3.73
CA MET A 274 -5.05 8.15 3.54
C MET A 274 -3.98 9.23 3.60
N ARG A 275 -4.24 10.36 2.94
CA ARG A 275 -3.22 11.41 2.84
C ARG A 275 -2.99 12.13 4.15
N ASP A 276 -3.91 12.03 5.08
CA ASP A 276 -3.71 12.54 6.42
C ASP A 276 -2.73 11.67 7.21
N GLN A 277 -2.38 10.49 6.69
CA GLN A 277 -1.53 9.52 7.35
C GLN A 277 -0.24 9.27 6.58
N ARG A 278 -0.28 9.33 5.24
CA ARG A 278 0.94 9.31 4.44
C ARG A 278 0.68 10.20 3.21
N ALA A 279 1.51 11.22 3.02
CA ALA A 279 1.26 12.16 1.96
C ALA A 279 1.27 11.51 0.58
N MET A 280 0.48 12.06 -0.33
CA MET A 280 0.55 11.80 -1.77
C MET A 280 -0.13 10.51 -2.19
N MET A 281 -0.73 9.75 -1.28
CA MET A 281 -1.26 8.46 -1.69
CA MET A 281 -1.33 8.46 -1.63
C MET A 281 -2.31 8.61 -2.78
N VAL A 282 -2.19 7.74 -3.79
CA VAL A 282 -2.82 7.81 -5.12
C VAL A 282 -2.13 8.93 -5.87
N GLN A 283 -1.22 8.57 -6.77
CA GLN A 283 -0.32 9.56 -7.35
C GLN A 283 -1.00 10.36 -8.46
N THR A 284 -1.60 9.68 -9.43
CA THR A 284 -2.07 10.35 -10.65
C THR A 284 -3.58 10.38 -10.75
N SER A 285 -4.09 11.34 -11.57
CA SER A 285 -5.51 11.43 -11.87
C SER A 285 -5.99 10.16 -12.55
N SER A 286 -5.18 9.61 -13.45
CA SER A 286 -5.54 8.34 -14.10
C SER A 286 -5.71 7.22 -13.09
N GLN A 287 -4.84 7.19 -12.07
CA GLN A 287 -4.98 6.18 -11.03
C GLN A 287 -6.27 6.38 -10.24
N TYR A 288 -6.62 7.64 -9.93
CA TYR A 288 -7.86 7.88 -9.22
C TYR A 288 -9.08 7.53 -10.09
N LYS A 289 -9.05 7.94 -11.34
CA LYS A 289 -10.13 7.58 -12.27
C LYS A 289 -10.26 6.06 -12.37
N PHE A 290 -9.12 5.37 -12.50
CA PHE A 290 -9.15 3.90 -12.53
C PHE A 290 -9.86 3.30 -11.30
N VAL A 291 -9.47 3.74 -10.10
CA VAL A 291 -10.08 3.11 -8.93
C VAL A 291 -11.56 3.50 -8.78
N CYS A 292 -11.94 4.74 -9.16
CA CYS A 292 -13.36 5.10 -9.08
C CYS A 292 -14.21 4.27 -10.02
N GLU A 293 -13.73 4.05 -11.24
CA GLU A 293 -14.43 3.21 -12.19
C GLU A 293 -14.51 1.78 -11.72
N ALA A 294 -13.41 1.27 -11.12
CA ALA A 294 -13.43 -0.07 -10.58
C ALA A 294 -14.43 -0.22 -9.45
N ILE A 295 -14.57 0.81 -8.62
CA ILE A 295 -15.51 0.79 -7.51
C ILE A 295 -16.93 0.68 -8.05
N LEU A 296 -17.24 1.51 -9.04
CA LEU A 296 -18.55 1.46 -9.70
C LEU A 296 -18.82 0.10 -10.30
N ARG A 297 -17.82 -0.45 -10.98
CA ARG A 297 -17.96 -1.76 -11.59
CA ARG A 297 -17.96 -1.76 -11.59
CA ARG A 297 -17.96 -1.78 -11.60
C ARG A 297 -18.30 -2.83 -10.55
N VAL A 298 -17.54 -2.86 -9.46
CA VAL A 298 -17.80 -3.84 -8.42
C VAL A 298 -19.21 -3.68 -7.90
N TYR A 299 -19.63 -2.43 -7.62
CA TYR A 299 -20.97 -2.19 -7.09
C TYR A 299 -22.04 -2.68 -8.05
N GLU A 300 -21.84 -2.46 -9.35
CA GLU A 300 -22.89 -2.76 -10.32
C GLU A 300 -23.01 -4.26 -10.57
N GLU A 301 -21.89 -4.93 -10.85
CA GLU A 301 -21.96 -6.37 -11.09
C GLU A 301 -22.31 -7.16 -9.83
N GLY A 302 -22.18 -6.55 -8.64
CA GLY A 302 -22.69 -7.14 -7.41
C GLY A 302 -24.12 -6.76 -7.06
N LEU A 303 -24.71 -5.82 -7.79
CA LEU A 303 -26.00 -5.29 -7.43
C LEU A 303 -27.12 -6.27 -7.75
N VAL A 304 -27.94 -6.58 -6.75
CA VAL A 304 -29.15 -7.37 -6.94
C VAL A 304 -30.35 -6.47 -6.69
N GLN A 305 -31.27 -6.45 -7.66
CA GLN A 305 -32.58 -5.80 -7.57
C GLN A 305 -33.16 -5.79 -6.15
N PHE B 1 19.49 13.91 -4.79
CA PHE B 1 18.28 13.10 -4.47
C PHE B 1 17.18 13.56 -5.40
N SER B 2 16.45 12.63 -6.01
CA SER B 2 15.47 12.99 -7.02
C SER B 2 14.06 12.67 -6.56
N ALA B 3 13.13 13.39 -7.17
CA ALA B 3 11.69 13.29 -6.94
C ALA B 3 11.09 12.03 -7.53
N PRO B 5 9.12 10.16 -9.96
CA PRO B 5 8.70 10.61 -11.31
C PRO B 5 7.17 10.49 -11.49
N SER B 6 6.53 11.24 -12.41
CA SER B 6 5.06 11.29 -12.43
C SER B 6 4.36 10.86 -13.73
N GLU B 7 5.06 10.79 -14.86
CA GLU B 7 4.47 10.48 -16.20
C GLU B 7 5.13 11.37 -17.23
#